data_1VL8
#
_entry.id   1VL8
#
_cell.length_a   123.504
_cell.length_b   123.504
_cell.length_c   122.323
_cell.angle_alpha   90.00
_cell.angle_beta   90.00
_cell.angle_gamma   90.00
#
_symmetry.space_group_name_H-M   'P 43 21 2'
#
loop_
_entity.id
_entity.type
_entity.pdbx_description
1 polymer 'Gluconate 5-dehydrogenase'
2 non-polymer 'PHOSPHATE ION'
3 non-polymer 'NADP NICOTINAMIDE-ADENINE-DINUCLEOTIDE PHOSPHATE'
4 non-polymer 'MAGNESIUM ION'
5 water water
#
_entity_poly.entity_id   1
_entity_poly.type   'polypeptide(L)'
_entity_poly.pdbx_seq_one_letter_code
;MGSDKIHHHHHHMKEVFDLRGRVALVTGGSRGLGFGIAQGLAEAGCSVVVASRNLEEASEAAQKLTEKYGVETMAFRCDV
SNYEEVKKLLEAVKEKFGKLDTVVNAAGINRRHPAEEFPLDEFRQVIEVNLFGTYYVCREAFSLLRESDNPSIINIGSLT
VEEVTMPNISAYAASKGGVASLTKALAKEWGRYGIRVNVIAPGWYRTKMTEAVFSDPEKLDYMLKRIPLGRTGVPEDLKG
VAVFLASEEAKYVTGQIIFVDGGWTAN
;
_entity_poly.pdbx_strand_id   A,B
#
# COMPACT_ATOMS: atom_id res chain seq x y z
N PHE A 17 26.09 -12.85 14.98
CA PHE A 17 25.71 -11.71 14.05
C PHE A 17 26.82 -11.33 13.08
N ASP A 18 27.58 -12.34 12.72
CA ASP A 18 28.67 -12.25 11.80
C ASP A 18 28.08 -12.33 10.38
N LEU A 19 28.41 -11.35 9.55
CA LEU A 19 28.01 -11.38 8.12
C LEU A 19 29.21 -11.56 7.21
N ARG A 20 30.32 -12.03 7.76
CA ARG A 20 31.49 -12.25 6.94
C ARG A 20 31.20 -13.30 5.87
N GLY A 21 31.62 -13.03 4.65
CA GLY A 21 31.33 -13.91 3.51
C GLY A 21 29.97 -13.66 2.87
N ARG A 22 29.16 -12.78 3.47
CA ARG A 22 27.85 -12.45 2.92
C ARG A 22 27.95 -11.27 1.95
N VAL A 23 26.98 -11.19 1.05
CA VAL A 23 26.85 -10.14 0.04
C VAL A 23 25.47 -9.48 0.22
N ALA A 24 25.47 -8.15 0.32
CA ALA A 24 24.27 -7.36 0.37
C ALA A 24 24.18 -6.38 -0.79
N LEU A 25 22.96 -6.17 -1.27
CA LEU A 25 22.62 -5.15 -2.23
C LEU A 25 21.79 -4.11 -1.49
N VAL A 26 22.27 -2.87 -1.46
CA VAL A 26 21.55 -1.77 -0.84
C VAL A 26 21.22 -0.72 -1.90
N THR A 27 19.94 -0.67 -2.28
CA THR A 27 19.45 0.46 -3.06
C THR A 27 19.25 1.64 -2.16
N GLY A 28 19.45 2.85 -2.69
CA GLY A 28 19.49 4.00 -1.82
C GLY A 28 20.65 3.96 -0.81
N GLY A 29 21.72 3.23 -1.14
CA GLY A 29 22.87 3.09 -0.25
C GLY A 29 23.91 4.19 -0.29
N SER A 30 23.69 5.19 -1.14
CA SER A 30 24.62 6.26 -1.46
C SER A 30 24.63 7.35 -0.39
N ARG A 31 23.53 7.48 0.36
CA ARG A 31 23.45 8.47 1.45
C ARG A 31 22.33 8.16 2.42
N GLY A 32 22.15 9.03 3.40
CA GLY A 32 21.04 8.92 4.33
C GLY A 32 20.89 7.58 5.05
N LEU A 33 19.66 7.11 5.16
CA LEU A 33 19.40 5.90 5.94
C LEU A 33 19.97 4.62 5.31
N GLY A 34 19.91 4.53 3.98
CA GLY A 34 20.45 3.38 3.26
C GLY A 34 21.96 3.29 3.47
N PHE A 35 22.63 4.44 3.49
CA PHE A 35 24.05 4.47 3.75
C PHE A 35 24.40 4.02 5.17
N GLY A 36 23.66 4.49 6.16
CA GLY A 36 23.84 4.06 7.55
C GLY A 36 23.71 2.53 7.67
N ILE A 37 22.68 1.99 7.05
CA ILE A 37 22.44 0.54 7.01
C ILE A 37 23.59 -0.20 6.30
N ALA A 38 24.06 0.33 5.16
CA ALA A 38 25.18 -0.24 4.44
C ALA A 38 26.43 -0.31 5.33
N GLN A 39 26.66 0.75 6.13
CA GLN A 39 27.77 0.80 7.07
C GLN A 39 27.65 -0.30 8.12
N GLY A 40 26.46 -0.47 8.68
CA GLY A 40 26.17 -1.50 9.65
C GLY A 40 26.48 -2.87 9.10
N LEU A 41 26.00 -3.15 7.89
CA LEU A 41 26.26 -4.45 7.26
C LEU A 41 27.74 -4.70 7.00
N ALA A 42 28.44 -3.67 6.52
CA ALA A 42 29.86 -3.72 6.22
C ALA A 42 30.67 -3.92 7.50
N GLU A 43 30.27 -3.23 8.57
CA GLU A 43 30.94 -3.38 9.84
C GLU A 43 30.87 -4.81 10.35
N ALA A 44 29.75 -5.49 10.11
CA ALA A 44 29.55 -6.91 10.50
C ALA A 44 30.21 -7.91 9.52
N GLY A 45 30.83 -7.37 8.47
CA GLY A 45 31.66 -8.15 7.57
C GLY A 45 31.06 -8.39 6.20
N CYS A 46 29.91 -7.80 5.93
CA CYS A 46 29.22 -8.00 4.66
C CYS A 46 29.88 -7.21 3.49
N SER A 47 30.02 -7.86 2.34
CA SER A 47 30.32 -7.17 1.10
C SER A 47 29.08 -6.45 0.64
N VAL A 48 29.25 -5.24 0.11
CA VAL A 48 28.10 -4.37 -0.20
C VAL A 48 28.12 -3.80 -1.60
N VAL A 49 27.00 -3.98 -2.30
CA VAL A 49 26.70 -3.31 -3.56
C VAL A 49 25.78 -2.13 -3.27
N VAL A 50 26.28 -0.94 -3.61
CA VAL A 50 25.57 0.31 -3.47
C VAL A 50 24.94 0.70 -4.82
N ALA A 51 23.63 0.87 -4.80
CA ALA A 51 22.93 1.28 -6.01
C ALA A 51 22.11 2.53 -5.78
N SER A 52 22.27 3.48 -6.68
CA SER A 52 21.47 4.69 -6.69
C SER A 52 21.52 5.32 -8.10
N ARG A 53 20.82 6.43 -8.32
CA ARG A 53 20.79 7.06 -9.64
C ARG A 53 22.02 7.89 -9.97
N ASN A 54 22.78 8.25 -8.95
CA ASN A 54 23.97 9.06 -9.11
C ASN A 54 25.21 8.14 -8.89
N LEU A 55 25.89 7.79 -10.00
CA LEU A 55 27.03 6.87 -9.93
C LEU A 55 28.17 7.44 -9.05
N GLU A 56 28.49 8.73 -9.17
CA GLU A 56 29.51 9.33 -8.32
C GLU A 56 29.21 9.15 -6.86
N GLU A 57 27.97 9.43 -6.48
CA GLU A 57 27.61 9.31 -5.09
C GLU A 57 27.62 7.88 -4.58
N ALA A 58 27.12 6.96 -5.40
CA ALA A 58 27.17 5.54 -5.08
C ALA A 58 28.61 5.00 -4.95
N SER A 59 29.47 5.37 -5.90
CA SER A 59 30.88 4.98 -5.95
C SER A 59 31.65 5.49 -4.75
N GLU A 60 31.42 6.77 -4.40
CA GLU A 60 32.04 7.35 -3.23
C GLU A 60 31.55 6.70 -1.94
N ALA A 61 30.28 6.39 -1.86
CA ALA A 61 29.73 5.71 -0.68
C ALA A 61 30.35 4.32 -0.53
N ALA A 62 30.39 3.59 -1.65
CA ALA A 62 31.01 2.24 -1.68
C ALA A 62 32.47 2.25 -1.24
N GLN A 63 33.25 3.20 -1.77
CA GLN A 63 34.66 3.33 -1.41
C GLN A 63 34.87 3.67 0.09
N LYS A 64 34.00 4.53 0.65
CA LYS A 64 34.01 4.80 2.08
C LYS A 64 33.72 3.55 2.93
N LEU A 65 32.82 2.69 2.45
CA LEU A 65 32.63 1.38 3.13
C LEU A 65 33.89 0.50 3.13
N THR A 66 34.52 0.39 1.98
CA THR A 66 35.73 -0.40 1.82
C THR A 66 36.87 0.14 2.70
N GLU A 67 37.02 1.46 2.73
CA GLU A 67 38.10 2.13 3.46
C GLU A 67 37.96 1.98 4.95
N LYS A 68 36.74 2.16 5.43
CA LYS A 68 36.46 2.16 6.84
C LYS A 68 36.35 0.75 7.37
N TYR A 69 35.73 -0.14 6.60
CA TYR A 69 35.42 -1.46 7.12
C TYR A 69 36.20 -2.60 6.48
N GLY A 70 36.94 -2.32 5.42
CA GLY A 70 37.78 -3.33 4.76
C GLY A 70 37.03 -4.40 3.97
N VAL A 71 35.77 -4.16 3.64
CA VAL A 71 34.97 -5.10 2.86
C VAL A 71 35.00 -4.77 1.32
N GLU A 72 34.72 -5.80 0.52
CA GLU A 72 34.53 -5.64 -0.92
C GLU A 72 33.24 -4.93 -1.21
N THR A 73 33.30 -4.00 -2.14
CA THR A 73 32.14 -3.24 -2.55
C THR A 73 32.10 -3.06 -4.04
N MET A 74 30.93 -2.65 -4.49
CA MET A 74 30.72 -2.26 -5.85
C MET A 74 29.57 -1.22 -5.83
N ALA A 75 29.66 -0.27 -6.76
CA ALA A 75 28.63 0.71 -7.00
C ALA A 75 28.08 0.50 -8.40
N PHE A 76 26.78 0.67 -8.55
CA PHE A 76 26.10 0.46 -9.82
C PHE A 76 24.95 1.45 -9.90
N ARG A 77 24.90 2.20 -10.99
CA ARG A 77 23.82 3.13 -11.25
C ARG A 77 22.51 2.39 -11.65
N CYS A 78 21.44 2.76 -10.99
CA CYS A 78 20.15 2.18 -11.20
C CYS A 78 19.09 3.13 -10.68
N ASP A 79 18.12 3.39 -11.55
CA ASP A 79 16.84 3.95 -11.20
C ASP A 79 15.87 2.78 -11.02
N VAL A 80 15.55 2.48 -9.75
CA VAL A 80 14.75 1.32 -9.40
C VAL A 80 13.32 1.32 -9.99
N SER A 81 12.83 2.46 -10.44
CA SER A 81 11.54 2.57 -11.13
C SER A 81 11.62 2.06 -12.55
N ASN A 82 12.84 1.83 -13.03
CA ASN A 82 13.09 1.29 -14.35
C ASN A 82 13.45 -0.18 -14.23
N TYR A 83 12.51 -1.04 -14.59
CA TYR A 83 12.67 -2.47 -14.49
C TYR A 83 13.91 -3.02 -15.20
N GLU A 84 14.19 -2.60 -16.42
CA GLU A 84 15.36 -3.10 -17.14
C GLU A 84 16.65 -2.71 -16.44
N GLU A 85 16.70 -1.51 -15.87
CA GLU A 85 17.87 -1.12 -15.07
C GLU A 85 18.06 -1.98 -13.80
N VAL A 86 16.95 -2.40 -13.21
CA VAL A 86 16.98 -3.30 -12.04
C VAL A 86 17.43 -4.69 -12.41
N LYS A 87 16.92 -5.19 -13.52
CA LYS A 87 17.41 -6.47 -14.08
C LYS A 87 18.94 -6.43 -14.26
N LYS A 88 19.44 -5.39 -14.90
CA LYS A 88 20.88 -5.18 -15.13
C LYS A 88 21.66 -5.06 -13.80
N LEU A 89 21.10 -4.35 -12.81
CA LEU A 89 21.70 -4.29 -11.46
C LEU A 89 21.93 -5.67 -10.85
N LEU A 90 20.95 -6.54 -10.96
CA LEU A 90 21.09 -7.90 -10.41
C LEU A 90 22.03 -8.78 -11.20
N GLU A 91 22.13 -8.56 -12.52
CA GLU A 91 23.14 -9.23 -13.33
C GLU A 91 24.51 -8.80 -12.89
N ALA A 92 24.66 -7.50 -12.60
CA ALA A 92 25.94 -6.95 -12.11
C ALA A 92 26.35 -7.55 -10.76
N VAL A 93 25.38 -7.73 -9.85
CA VAL A 93 25.64 -8.42 -8.56
C VAL A 93 26.17 -9.86 -8.79
N LYS A 94 25.46 -10.60 -9.65
CA LYS A 94 25.85 -11.96 -9.97
C LYS A 94 27.26 -11.98 -10.59
N GLU A 95 27.56 -11.07 -11.53
CA GLU A 95 28.89 -10.99 -12.13
C GLU A 95 29.97 -10.70 -11.12
N LYS A 96 29.77 -9.72 -10.27
CA LYS A 96 30.80 -9.34 -9.31
C LYS A 96 30.97 -10.43 -8.26
N PHE A 97 29.87 -10.94 -7.69
CA PHE A 97 29.98 -11.79 -6.49
C PHE A 97 29.52 -13.23 -6.63
N GLY A 98 28.66 -13.49 -7.61
CA GLY A 98 28.16 -14.84 -7.86
C GLY A 98 27.13 -15.31 -6.87
N LYS A 99 26.73 -14.40 -5.96
CA LYS A 99 25.83 -14.72 -4.88
C LYS A 99 25.21 -13.46 -4.30
N LEU A 100 24.09 -13.64 -3.62
CA LEU A 100 23.48 -12.57 -2.86
C LEU A 100 22.68 -13.13 -1.71
N ASP A 101 22.87 -12.54 -0.54
CA ASP A 101 22.26 -13.02 0.70
C ASP A 101 21.22 -12.04 1.23
N THR A 102 21.44 -10.75 1.02
CA THR A 102 20.66 -9.71 1.66
C THR A 102 20.36 -8.57 0.70
N VAL A 103 19.11 -8.14 0.72
CA VAL A 103 18.65 -7.01 -0.04
C VAL A 103 18.04 -6.01 0.91
N VAL A 104 18.51 -4.75 0.80
CA VAL A 104 17.95 -3.62 1.48
C VAL A 104 17.42 -2.65 0.41
N ASN A 105 16.09 -2.48 0.41
CA ASN A 105 15.40 -1.60 -0.51
C ASN A 105 15.17 -0.25 0.15
N ALA A 106 16.22 0.58 0.18
CA ALA A 106 16.12 1.91 0.75
C ALA A 106 15.87 3.04 -0.26
N ALA A 107 15.98 2.78 -1.56
CA ALA A 107 15.68 3.79 -2.55
C ALA A 107 14.23 4.26 -2.43
N GLY A 108 14.07 5.58 -2.40
CA GLY A 108 12.80 6.17 -2.11
C GLY A 108 12.81 7.63 -2.41
N ILE A 109 11.64 8.16 -2.83
CA ILE A 109 11.44 9.58 -2.97
C ILE A 109 10.16 10.01 -2.25
N ASN A 110 10.04 11.31 -2.05
CA ASN A 110 8.80 11.93 -1.59
C ASN A 110 8.53 13.20 -2.40
N ARG A 111 7.25 13.51 -2.62
CA ARG A 111 6.82 14.77 -3.22
C ARG A 111 5.62 15.24 -2.42
N ARG A 112 5.61 16.51 -2.02
CA ARG A 112 4.63 17.04 -1.09
C ARG A 112 3.64 17.99 -1.74
N HIS A 113 2.38 17.60 -1.77
CA HIS A 113 1.29 18.43 -2.33
C HIS A 113 0.03 18.06 -1.62
N PRO A 114 -0.90 19.01 -1.47
CA PRO A 114 -2.24 18.61 -1.03
C PRO A 114 -2.80 17.53 -1.98
N ALA A 115 -3.44 16.52 -1.42
CA ALA A 115 -3.99 15.39 -2.18
C ALA A 115 -4.89 15.83 -3.32
N GLU A 116 -5.74 16.83 -3.07
CA GLU A 116 -6.70 17.30 -4.04
C GLU A 116 -6.02 18.03 -5.20
N GLU A 117 -4.75 18.43 -5.04
CA GLU A 117 -3.99 19.15 -6.09
C GLU A 117 -2.75 18.37 -6.56
N PHE A 118 -2.50 17.20 -6.00
CA PHE A 118 -1.30 16.42 -6.32
C PHE A 118 -1.20 16.16 -7.84
N PRO A 119 -0.08 16.58 -8.49
CA PRO A 119 0.05 16.29 -9.92
C PRO A 119 0.08 14.78 -10.15
N LEU A 120 -0.66 14.32 -11.16
CA LEU A 120 -0.91 12.88 -11.35
C LEU A 120 0.37 12.14 -11.72
N ASP A 121 1.23 12.78 -12.52
CA ASP A 121 2.50 12.17 -12.85
C ASP A 121 3.39 12.01 -11.61
N GLU A 122 3.44 13.01 -10.72
CA GLU A 122 4.23 12.88 -9.51
C GLU A 122 3.63 11.88 -8.55
N PHE A 123 2.30 11.79 -8.45
CA PHE A 123 1.67 10.80 -7.62
C PHE A 123 2.15 9.39 -8.03
N ARG A 124 2.02 9.10 -9.30
CA ARG A 124 2.48 7.79 -9.82
C ARG A 124 3.96 7.57 -9.64
N GLN A 125 4.75 8.61 -9.90
CA GLN A 125 6.21 8.51 -9.79
C GLN A 125 6.70 8.09 -8.39
N VAL A 126 6.08 8.61 -7.33
CA VAL A 126 6.46 8.23 -5.97
C VAL A 126 6.19 6.74 -5.73
N ILE A 127 5.08 6.24 -6.28
CA ILE A 127 4.73 4.82 -6.15
C ILE A 127 5.61 3.95 -7.06
N GLU A 128 5.93 4.47 -8.24
CA GLU A 128 6.86 3.79 -9.16
C GLU A 128 8.25 3.52 -8.56
N VAL A 129 8.82 4.53 -7.88
CA VAL A 129 10.09 4.39 -7.17
C VAL A 129 9.94 3.49 -5.94
N ASN A 130 9.01 3.86 -5.05
CA ASN A 130 8.98 3.35 -3.69
C ASN A 130 8.39 1.95 -3.61
N LEU A 131 7.43 1.66 -4.44
CA LEU A 131 6.71 0.41 -4.38
C LEU A 131 7.04 -0.48 -5.58
N PHE A 132 6.80 -0.03 -6.81
CA PHE A 132 7.17 -0.84 -7.99
C PHE A 132 8.66 -1.15 -7.96
N GLY A 133 9.51 -0.15 -7.68
CA GLY A 133 10.96 -0.36 -7.63
C GLY A 133 11.39 -1.37 -6.57
N THR A 134 10.79 -1.27 -5.38
CA THR A 134 11.01 -2.28 -4.34
C THR A 134 10.60 -3.68 -4.84
N TYR A 135 9.41 -3.79 -5.43
CA TYR A 135 9.02 -5.06 -6.06
C TYR A 135 10.03 -5.60 -7.12
N TYR A 136 10.45 -4.73 -8.05
CA TYR A 136 11.33 -5.16 -9.17
C TYR A 136 12.62 -5.73 -8.57
N VAL A 137 13.16 -5.06 -7.56
CA VAL A 137 14.43 -5.50 -6.94
C VAL A 137 14.23 -6.90 -6.31
N CYS A 138 13.19 -7.04 -5.50
CA CYS A 138 12.85 -8.33 -4.89
C CYS A 138 12.72 -9.44 -5.95
N ARG A 139 11.94 -9.14 -7.01
CA ARG A 139 11.67 -10.07 -8.11
C ARG A 139 13.00 -10.55 -8.77
N GLU A 140 13.88 -9.60 -9.10
CA GLU A 140 15.10 -9.91 -9.78
C GLU A 140 16.16 -10.53 -8.91
N ALA A 141 16.09 -10.28 -7.59
CA ALA A 141 17.00 -10.85 -6.61
C ALA A 141 16.67 -12.29 -6.26
N PHE A 142 15.44 -12.69 -6.53
CA PHE A 142 14.93 -14.02 -6.16
C PHE A 142 15.89 -15.16 -6.54
N SER A 143 16.31 -15.22 -7.80
CA SER A 143 17.08 -16.35 -8.25
C SER A 143 18.40 -16.54 -7.51
N LEU A 144 19.08 -15.43 -7.15
CA LEU A 144 20.26 -15.52 -6.26
C LEU A 144 19.94 -15.80 -4.81
N LEU A 145 18.90 -15.15 -4.28
CA LEU A 145 18.48 -15.35 -2.90
C LEU A 145 18.13 -16.81 -2.61
N ARG A 146 17.50 -17.46 -3.58
CA ARG A 146 17.21 -18.91 -3.56
C ARG A 146 18.42 -19.79 -3.36
N GLU A 147 19.57 -19.30 -3.79
CA GLU A 147 20.80 -20.07 -3.63
C GLU A 147 21.51 -19.81 -2.31
N SER A 148 21.05 -18.82 -1.55
CA SER A 148 21.64 -18.50 -0.27
C SER A 148 21.13 -19.41 0.83
N ASP A 149 22.01 -19.77 1.77
CA ASP A 149 21.56 -20.48 2.97
C ASP A 149 21.11 -19.51 4.08
N ASN A 150 21.07 -18.21 3.80
CA ASN A 150 20.65 -17.19 4.76
C ASN A 150 20.06 -15.95 4.06
N PRO A 151 18.95 -16.14 3.31
CA PRO A 151 18.40 -15.05 2.50
C PRO A 151 17.41 -14.17 3.27
N SER A 152 17.62 -12.85 3.15
CA SER A 152 16.89 -11.87 3.93
C SER A 152 16.71 -10.63 3.07
N ILE A 153 15.44 -10.27 2.85
CA ILE A 153 15.06 -9.04 2.16
C ILE A 153 14.50 -8.10 3.24
N ILE A 154 15.01 -6.88 3.23
CA ILE A 154 14.68 -5.83 4.17
C ILE A 154 14.17 -4.64 3.36
N ASN A 155 12.88 -4.43 3.43
CA ASN A 155 12.24 -3.27 2.82
C ASN A 155 12.14 -2.09 3.83
N ILE A 156 12.27 -0.88 3.33
CA ILE A 156 12.18 0.32 4.17
C ILE A 156 10.77 0.89 4.02
N GLY A 157 10.06 0.88 5.14
CA GLY A 157 8.75 1.47 5.30
C GLY A 157 8.85 2.91 5.76
N SER A 158 7.95 3.25 6.65
CA SER A 158 7.77 4.58 7.19
C SER A 158 6.66 4.46 8.24
N LEU A 159 6.51 5.49 9.05
CA LEU A 159 5.37 5.60 9.97
C LEU A 159 4.06 5.47 9.25
N THR A 160 4.02 5.94 7.98
CA THR A 160 2.83 5.92 7.09
C THR A 160 2.27 4.52 6.76
N VAL A 161 3.05 3.49 7.05
CA VAL A 161 2.50 2.12 7.13
C VAL A 161 1.31 2.06 8.09
N GLU A 162 1.43 2.78 9.20
CA GLU A 162 0.49 2.72 10.31
C GLU A 162 -0.34 4.01 10.45
N GLU A 163 0.29 5.16 10.20
CA GLU A 163 -0.33 6.42 10.48
C GLU A 163 0.37 7.56 9.72
N VAL A 164 -0.43 8.53 9.29
CA VAL A 164 0.04 9.61 8.42
C VAL A 164 0.01 10.92 9.24
N THR A 165 1.18 11.24 9.79
CA THR A 165 1.35 12.31 10.75
C THR A 165 1.42 13.69 10.10
N MET A 166 1.76 13.75 8.84
CA MET A 166 1.91 15.02 8.14
C MET A 166 0.88 15.11 7.01
N PRO A 167 0.47 16.34 6.69
CA PRO A 167 -0.27 16.49 5.47
C PRO A 167 0.70 16.47 4.25
N ASN A 168 0.08 16.36 3.07
CA ASN A 168 0.71 16.57 1.79
C ASN A 168 1.59 15.42 1.33
N ILE A 169 1.42 14.24 1.92
CA ILE A 169 2.23 13.11 1.56
C ILE A 169 1.38 11.86 1.20
N SER A 170 0.23 12.06 0.55
CA SER A 170 -0.68 10.93 0.18
C SER A 170 -0.03 9.87 -0.69
N ALA A 171 0.73 10.29 -1.74
CA ALA A 171 1.40 9.31 -2.62
C ALA A 171 2.43 8.47 -1.88
N TYR A 172 3.23 9.16 -1.08
CA TYR A 172 4.23 8.49 -0.27
C TYR A 172 3.64 7.46 0.72
N ALA A 173 2.60 7.89 1.44
CA ALA A 173 1.89 7.03 2.37
C ALA A 173 1.40 5.80 1.65
N ALA A 174 0.73 5.97 0.47
CA ALA A 174 0.20 4.87 -0.29
C ALA A 174 1.32 3.88 -0.68
N SER A 175 2.46 4.43 -1.12
CA SER A 175 3.62 3.63 -1.48
C SER A 175 4.11 2.73 -0.33
N LYS A 176 4.17 3.30 0.89
CA LYS A 176 4.74 2.63 2.04
C LYS A 176 3.77 1.60 2.62
N GLY A 177 2.46 1.88 2.63
CA GLY A 177 1.47 0.84 2.96
C GLY A 177 1.49 -0.28 1.92
N GLY A 178 1.74 0.07 0.68
CA GLY A 178 1.94 -0.89 -0.37
C GLY A 178 3.12 -1.79 -0.10
N VAL A 179 4.23 -1.16 0.29
CA VAL A 179 5.43 -1.91 0.65
C VAL A 179 5.19 -2.89 1.81
N ALA A 180 4.48 -2.46 2.86
CA ALA A 180 4.18 -3.30 3.99
C ALA A 180 3.39 -4.56 3.57
N SER A 181 2.35 -4.40 2.74
CA SER A 181 1.57 -5.53 2.31
C SER A 181 2.30 -6.43 1.32
N LEU A 182 3.06 -5.82 0.39
CA LEU A 182 3.96 -6.54 -0.50
C LEU A 182 4.90 -7.45 0.31
N THR A 183 5.50 -6.87 1.30
CA THR A 183 6.42 -7.59 2.21
C THR A 183 5.77 -8.85 2.79
N LYS A 184 4.54 -8.74 3.25
CA LYS A 184 3.82 -9.86 3.78
C LYS A 184 3.49 -10.93 2.73
N ALA A 185 3.15 -10.47 1.53
CA ALA A 185 2.91 -11.39 0.39
C ALA A 185 4.16 -12.16 0.00
N LEU A 186 5.29 -11.47 -0.01
CA LEU A 186 6.55 -12.14 -0.31
C LEU A 186 6.98 -13.10 0.78
N ALA A 187 6.78 -12.67 2.03
CA ALA A 187 7.09 -13.52 3.17
C ALA A 187 6.29 -14.80 3.11
N LYS A 188 5.01 -14.64 2.78
CA LYS A 188 4.11 -15.76 2.60
C LYS A 188 4.56 -16.73 1.49
N GLU A 189 4.90 -16.19 0.33
CA GLU A 189 5.21 -17.04 -0.86
C GLU A 189 6.62 -17.65 -0.81
N TRP A 190 7.55 -16.89 -0.27
CA TRP A 190 8.94 -17.27 -0.33
C TRP A 190 9.50 -17.90 0.94
N GLY A 191 8.69 -17.99 2.00
CA GLY A 191 9.04 -18.69 3.23
C GLY A 191 9.43 -20.12 2.97
N ARG A 192 8.80 -20.75 1.98
CA ARG A 192 9.11 -22.12 1.61
C ARG A 192 10.52 -22.28 1.02
N TYR A 193 11.14 -21.19 0.57
CA TYR A 193 12.54 -21.20 0.09
C TYR A 193 13.50 -20.71 1.19
N GLY A 194 12.95 -20.47 2.38
CA GLY A 194 13.71 -19.91 3.48
C GLY A 194 14.10 -18.45 3.32
N ILE A 195 13.43 -17.74 2.41
CA ILE A 195 13.67 -16.30 2.23
C ILE A 195 12.79 -15.50 3.17
N ARG A 196 13.43 -14.75 4.05
CA ARG A 196 12.72 -13.88 4.97
C ARG A 196 12.54 -12.53 4.29
N VAL A 197 11.38 -11.95 4.53
CA VAL A 197 11.03 -10.63 4.02
C VAL A 197 10.40 -9.83 5.16
N ASN A 198 11.06 -8.72 5.50
CA ASN A 198 10.66 -7.89 6.62
C ASN A 198 10.77 -6.42 6.23
N VAL A 199 10.13 -5.55 7.03
CA VAL A 199 10.20 -4.10 6.85
C VAL A 199 10.85 -3.50 8.09
N ILE A 200 11.80 -2.59 7.87
CA ILE A 200 12.22 -1.63 8.85
C ILE A 200 11.44 -0.36 8.55
N ALA A 201 10.61 0.07 9.51
CA ALA A 201 9.85 1.32 9.39
C ALA A 201 10.50 2.36 10.33
N PRO A 202 11.31 3.24 9.78
CA PRO A 202 11.88 4.32 10.62
C PRO A 202 10.81 5.29 11.07
N GLY A 203 11.02 5.88 12.23
CA GLY A 203 10.26 7.07 12.66
C GLY A 203 10.85 8.29 11.93
N TRP A 204 11.15 9.33 12.67
CA TRP A 204 11.63 10.58 12.07
C TRP A 204 13.14 10.76 12.25
N TYR A 205 13.83 10.88 11.10
CA TYR A 205 15.28 11.02 11.00
C TYR A 205 15.58 12.18 10.05
N ARG A 206 16.44 13.08 10.49
CA ARG A 206 16.88 14.21 9.65
C ARG A 206 17.77 13.71 8.51
N THR A 207 17.25 13.86 7.30
CA THR A 207 17.92 13.49 6.06
C THR A 207 17.52 14.52 5.00
N LYS A 208 18.07 14.36 3.79
CA LYS A 208 17.66 15.18 2.65
C LYS A 208 16.15 15.09 2.39
N MET A 209 15.59 13.92 2.56
CA MET A 209 14.16 13.73 2.36
C MET A 209 13.28 14.52 3.38
N THR A 210 13.75 14.68 4.61
CA THR A 210 12.93 15.29 5.67
C THR A 210 13.40 16.68 6.09
N GLU A 211 14.40 17.20 5.42
CA GLU A 211 14.99 18.47 5.80
C GLU A 211 13.98 19.60 5.95
N ALA A 212 13.02 19.67 5.03
CA ALA A 212 12.02 20.74 5.07
C ALA A 212 11.18 20.71 6.34
N VAL A 213 10.77 19.51 6.75
CA VAL A 213 10.07 19.30 8.06
C VAL A 213 10.93 19.72 9.27
N PHE A 214 12.15 19.22 9.31
CA PHE A 214 13.08 19.51 10.38
C PHE A 214 13.43 20.99 10.50
N SER A 215 13.32 21.72 9.40
CA SER A 215 13.66 23.14 9.33
C SER A 215 12.54 24.05 9.87
C SER A 215 12.53 24.06 9.86
N ASP A 216 11.36 23.48 10.13
CA ASP A 216 10.23 24.19 10.74
C ASP A 216 10.23 23.87 12.25
N PRO A 217 10.63 24.84 13.11
CA PRO A 217 10.69 24.64 14.56
C PRO A 217 9.38 24.14 15.19
N GLU A 218 8.25 24.61 14.67
CA GLU A 218 6.92 24.20 15.17
C GLU A 218 6.66 22.69 14.95
N LYS A 219 6.99 22.24 13.75
CA LYS A 219 6.84 20.85 13.38
C LYS A 219 7.80 19.96 14.18
N LEU A 220 9.05 20.40 14.35
CA LEU A 220 10.06 19.65 15.07
C LEU A 220 9.68 19.52 16.55
N ASP A 221 9.17 20.60 17.12
CA ASP A 221 8.72 20.60 18.47
C ASP A 221 7.57 19.59 18.68
N TYR A 222 6.66 19.56 17.72
CA TYR A 222 5.55 18.62 17.70
C TYR A 222 6.03 17.17 17.61
N MET A 223 6.96 16.94 16.69
CA MET A 223 7.56 15.63 16.52
C MET A 223 8.21 15.14 17.82
N LEU A 224 9.04 15.98 18.45
CA LEU A 224 9.73 15.58 19.68
C LEU A 224 8.76 15.25 20.86
N LYS A 225 7.63 15.97 20.95
CA LYS A 225 6.52 15.69 21.87
C LYS A 225 6.01 14.26 21.77
N ARG A 226 5.99 13.75 20.56
CA ARG A 226 5.50 12.38 20.26
C ARG A 226 6.57 11.26 20.25
N ILE A 227 7.78 11.59 20.69
CA ILE A 227 8.90 10.62 20.79
C ILE A 227 9.32 10.44 22.28
N PRO A 228 8.88 9.33 22.91
CA PRO A 228 9.24 9.00 24.28
C PRO A 228 10.72 9.09 24.56
N LEU A 229 11.58 8.66 23.64
CA LEU A 229 13.01 8.76 23.86
C LEU A 229 13.56 10.20 23.72
N GLY A 230 12.73 11.15 23.30
CA GLY A 230 13.11 12.55 23.39
C GLY A 230 14.09 13.07 22.35
N ARG A 231 14.29 12.31 21.29
CA ARG A 231 15.17 12.73 20.23
C ARG A 231 14.75 12.11 18.93
N THR A 232 15.15 12.75 17.84
CA THR A 232 14.95 12.17 16.50
C THR A 232 16.05 11.15 16.18
N GLY A 233 15.85 10.41 15.12
CA GLY A 233 16.70 9.32 14.75
C GLY A 233 17.88 9.77 13.94
N VAL A 234 18.95 9.00 14.08
CA VAL A 234 20.14 9.15 13.25
C VAL A 234 20.42 7.81 12.55
N PRO A 235 21.16 7.86 11.41
CA PRO A 235 21.37 6.63 10.61
C PRO A 235 21.96 5.42 11.40
N GLU A 236 22.83 5.71 12.34
CA GLU A 236 23.36 4.69 13.27
C GLU A 236 22.29 3.87 14.04
N ASP A 237 21.10 4.48 14.28
CA ASP A 237 19.98 3.80 14.95
C ASP A 237 19.41 2.61 14.19
N LEU A 238 19.69 2.56 12.87
CA LEU A 238 19.18 1.49 12.02
C LEU A 238 20.16 0.36 11.73
N LYS A 239 21.41 0.53 12.17
CA LYS A 239 22.45 -0.44 11.89
C LYS A 239 22.19 -1.80 12.54
N GLY A 240 21.87 -1.79 13.84
CA GLY A 240 21.65 -3.02 14.58
C GLY A 240 20.52 -3.84 14.03
N VAL A 241 19.39 -3.20 13.80
CA VAL A 241 18.22 -3.95 13.34
C VAL A 241 18.44 -4.57 11.95
N ALA A 242 19.12 -3.84 11.07
CA ALA A 242 19.51 -4.37 9.72
C ALA A 242 20.42 -5.58 9.78
N VAL A 243 21.47 -5.47 10.58
CA VAL A 243 22.37 -6.59 10.85
C VAL A 243 21.64 -7.77 11.49
N PHE A 244 20.88 -7.50 12.54
CA PHE A 244 20.05 -8.51 13.15
C PHE A 244 19.21 -9.27 12.10
N LEU A 245 18.39 -8.55 11.34
CA LEU A 245 17.51 -9.18 10.32
C LEU A 245 18.26 -9.91 9.23
N ALA A 246 19.45 -9.44 8.87
CA ALA A 246 20.28 -10.10 7.85
C ALA A 246 20.93 -11.36 8.37
N SER A 247 21.14 -11.41 9.69
CA SER A 247 21.91 -12.48 10.33
C SER A 247 21.13 -13.78 10.37
N GLU A 248 21.90 -14.83 10.60
CA GLU A 248 21.38 -16.16 10.80
C GLU A 248 20.57 -16.25 12.09
N GLU A 249 20.71 -15.27 12.99
CA GLU A 249 20.04 -15.22 14.28
C GLU A 249 18.58 -14.70 14.17
N ALA A 250 18.19 -14.25 12.97
CA ALA A 250 16.84 -13.81 12.66
C ALA A 250 16.14 -14.76 11.68
N LYS A 251 16.55 -16.01 11.67
CA LYS A 251 15.99 -16.97 10.73
C LYS A 251 14.47 -17.25 10.88
N TYR A 252 13.88 -17.03 12.06
CA TYR A 252 12.48 -17.31 12.25
C TYR A 252 11.66 -16.02 12.24
N VAL A 253 12.29 -14.91 11.86
CA VAL A 253 11.63 -13.63 11.75
C VAL A 253 11.30 -13.36 10.28
N THR A 254 10.01 -13.34 9.96
CA THR A 254 9.59 -12.97 8.58
C THR A 254 8.19 -12.39 8.61
N GLY A 255 7.92 -11.52 7.63
CA GLY A 255 6.67 -10.85 7.44
C GLY A 255 6.38 -9.75 8.45
N GLN A 256 7.43 -9.27 9.14
CA GLN A 256 7.24 -8.31 10.23
C GLN A 256 7.52 -6.87 9.75
N ILE A 257 6.76 -5.94 10.32
CA ILE A 257 7.00 -4.52 10.22
C ILE A 257 7.59 -4.04 11.56
N ILE A 258 8.88 -3.75 11.60
CA ILE A 258 9.53 -3.33 12.84
C ILE A 258 9.82 -1.81 12.77
N PHE A 259 9.20 -1.06 13.68
CA PHE A 259 9.37 0.37 13.80
C PHE A 259 10.57 0.66 14.67
N VAL A 260 11.43 1.55 14.15
CA VAL A 260 12.59 2.08 14.86
C VAL A 260 12.41 3.57 14.93
N ASP A 261 11.72 3.97 16.01
CA ASP A 261 11.00 5.23 16.03
C ASP A 261 11.04 5.96 17.37
N GLY A 262 11.90 5.51 18.28
CA GLY A 262 12.00 6.05 19.64
C GLY A 262 10.73 5.96 20.44
N GLY A 263 9.80 5.09 20.03
CA GLY A 263 8.53 4.94 20.74
C GLY A 263 7.33 5.66 20.17
N TRP A 264 7.52 6.37 19.05
CA TRP A 264 6.46 7.08 18.36
C TRP A 264 5.14 6.32 18.31
N THR A 265 5.18 5.11 17.74
CA THR A 265 3.99 4.27 17.54
C THR A 265 3.33 3.75 18.80
N ALA A 266 4.03 3.85 19.93
CA ALA A 266 3.53 3.37 21.21
C ALA A 266 2.78 4.45 21.98
N ASN A 267 2.69 5.65 21.41
CA ASN A 267 2.12 6.77 22.14
C ASN A 267 1.43 7.77 21.23
N VAL B 16 -33.03 8.34 11.77
CA VAL B 16 -31.56 8.03 11.98
C VAL B 16 -31.09 6.83 11.11
N PHE B 17 -29.85 6.94 10.61
CA PHE B 17 -29.31 6.11 9.50
C PHE B 17 -30.05 6.34 8.17
N ASP B 18 -30.76 7.45 8.09
CA ASP B 18 -31.50 7.87 6.92
C ASP B 18 -30.54 8.55 5.92
N LEU B 19 -30.54 8.11 4.66
CA LEU B 19 -29.71 8.71 3.62
C LEU B 19 -30.57 9.30 2.52
N ARG B 20 -31.84 9.56 2.80
CA ARG B 20 -32.70 10.18 1.82
C ARG B 20 -32.19 11.57 1.42
N GLY B 21 -32.20 11.84 0.13
CA GLY B 21 -31.67 13.08 -0.44
C GLY B 21 -30.18 13.09 -0.72
N ARG B 22 -29.49 12.06 -0.24
CA ARG B 22 -28.07 11.91 -0.45
C ARG B 22 -27.75 11.31 -1.81
N VAL B 23 -26.53 11.56 -2.25
CA VAL B 23 -26.03 11.06 -3.52
C VAL B 23 -24.76 10.28 -3.27
N ALA B 24 -24.71 9.04 -3.77
CA ALA B 24 -23.53 8.20 -3.70
C ALA B 24 -23.03 7.81 -5.06
N LEU B 25 -21.71 7.76 -5.18
CA LEU B 25 -21.01 7.21 -6.33
C LEU B 25 -20.40 5.89 -5.92
N VAL B 26 -20.78 4.81 -6.61
CA VAL B 26 -20.21 3.47 -6.34
C VAL B 26 -19.50 2.97 -7.58
N THR B 27 -18.17 3.03 -7.56
CA THR B 27 -17.35 2.38 -8.60
C THR B 27 -17.39 0.90 -8.31
N GLY B 28 -17.35 0.07 -9.36
CA GLY B 28 -17.56 -1.36 -9.19
C GLY B 28 -18.96 -1.68 -8.65
N GLY B 29 -19.94 -0.82 -8.92
CA GLY B 29 -21.32 -1.01 -8.41
C GLY B 29 -22.20 -1.93 -9.26
N SER B 30 -21.66 -2.46 -10.35
CA SER B 30 -22.41 -3.24 -11.31
C SER B 30 -22.64 -4.69 -10.88
N ARG B 31 -21.83 -5.18 -9.94
CA ARG B 31 -22.02 -6.53 -9.43
C ARG B 31 -21.24 -6.74 -8.15
N GLY B 32 -21.35 -7.95 -7.58
CA GLY B 32 -20.55 -8.34 -6.42
C GLY B 32 -20.71 -7.43 -5.19
N LEU B 33 -19.61 -7.18 -4.50
CA LEU B 33 -19.62 -6.45 -3.25
C LEU B 33 -20.05 -4.98 -3.40
N GLY B 34 -19.65 -4.36 -4.50
CA GLY B 34 -20.06 -3.01 -4.81
C GLY B 34 -21.53 -2.89 -5.04
N PHE B 35 -22.11 -3.87 -5.73
CA PHE B 35 -23.53 -3.88 -5.92
C PHE B 35 -24.29 -4.05 -4.59
N GLY B 36 -23.83 -4.98 -3.76
CA GLY B 36 -24.39 -5.18 -2.42
C GLY B 36 -24.42 -3.87 -1.62
N ILE B 37 -23.29 -3.19 -1.60
CA ILE B 37 -23.19 -1.86 -0.95
C ILE B 37 -24.14 -0.82 -1.54
N ALA B 38 -24.19 -0.75 -2.88
CA ALA B 38 -25.14 0.12 -3.61
C ALA B 38 -26.61 -0.13 -3.19
N GLN B 39 -26.99 -1.40 -3.08
CA GLN B 39 -28.31 -1.76 -2.57
C GLN B 39 -28.56 -1.28 -1.15
N GLY B 40 -27.58 -1.42 -0.27
CA GLY B 40 -27.66 -0.96 1.12
C GLY B 40 -27.91 0.54 1.18
N LEU B 41 -27.09 1.31 0.46
CA LEU B 41 -27.27 2.75 0.39
C LEU B 41 -28.64 3.16 -0.21
N ALA B 42 -29.06 2.54 -1.33
CA ALA B 42 -30.37 2.78 -1.96
C ALA B 42 -31.54 2.44 -1.02
N GLU B 43 -31.43 1.34 -0.28
CA GLU B 43 -32.44 0.95 0.69
C GLU B 43 -32.63 2.00 1.80
N ALA B 44 -31.53 2.64 2.21
CA ALA B 44 -31.55 3.77 3.14
C ALA B 44 -31.97 5.11 2.55
N GLY B 45 -32.23 5.14 1.24
CA GLY B 45 -32.80 6.31 0.57
C GLY B 45 -31.82 7.08 -0.30
N CYS B 46 -30.61 6.59 -0.44
CA CYS B 46 -29.56 7.26 -1.24
C CYS B 46 -29.75 7.12 -2.75
N SER B 47 -29.62 8.21 -3.49
CA SER B 47 -29.52 8.15 -4.94
C SER B 47 -28.14 7.57 -5.26
N VAL B 48 -28.06 6.74 -6.30
CA VAL B 48 -26.82 6.01 -6.58
C VAL B 48 -26.36 6.10 -8.01
N VAL B 49 -25.10 6.47 -8.16
CA VAL B 49 -24.41 6.44 -9.43
C VAL B 49 -23.54 5.18 -9.48
N VAL B 50 -23.84 4.31 -10.45
CA VAL B 50 -23.08 3.07 -10.70
C VAL B 50 -22.08 3.24 -11.85
N ALA B 51 -20.81 3.06 -11.53
CA ALA B 51 -19.73 3.13 -12.52
C ALA B 51 -19.01 1.79 -12.59
N SER B 52 -18.83 1.32 -13.82
CA SER B 52 -17.93 0.20 -14.15
C SER B 52 -17.47 0.36 -15.58
N ARG B 53 -16.72 -0.62 -16.08
CA ARG B 53 -16.25 -0.58 -17.46
C ARG B 53 -17.28 -1.09 -18.48
N ASN B 54 -18.36 -1.71 -18.02
CA ASN B 54 -19.41 -2.15 -18.93
C ASN B 54 -20.71 -1.35 -18.72
N LEU B 55 -21.05 -0.52 -19.70
CA LEU B 55 -22.21 0.37 -19.57
C LEU B 55 -23.54 -0.39 -19.44
N GLU B 56 -23.75 -1.47 -20.21
CA GLU B 56 -25.00 -2.22 -20.05
C GLU B 56 -25.14 -2.83 -18.64
N GLU B 57 -24.06 -3.39 -18.11
CA GLU B 57 -24.09 -3.98 -16.80
C GLU B 57 -24.33 -2.93 -15.69
N ALA B 58 -23.69 -1.76 -15.82
CA ALA B 58 -23.87 -0.66 -14.89
C ALA B 58 -25.33 -0.20 -14.92
N SER B 59 -25.87 -0.04 -16.13
CA SER B 59 -27.27 0.38 -16.34
C SER B 59 -28.29 -0.63 -15.79
N GLU B 60 -28.02 -1.92 -16.00
CA GLU B 60 -28.83 -2.96 -15.42
C GLU B 60 -28.83 -2.87 -13.90
N ALA B 61 -27.66 -2.71 -13.31
CA ALA B 61 -27.57 -2.60 -11.86
C ALA B 61 -28.34 -1.34 -11.39
N ALA B 62 -28.11 -0.22 -12.07
CA ALA B 62 -28.77 1.04 -11.71
C ALA B 62 -30.30 0.93 -11.76
N GLN B 63 -30.80 0.29 -12.82
CA GLN B 63 -32.22 0.08 -13.00
C GLN B 63 -32.81 -0.83 -11.92
N LYS B 64 -32.11 -1.90 -11.55
CA LYS B 64 -32.53 -2.76 -10.44
C LYS B 64 -32.62 -1.99 -9.11
N LEU B 65 -31.69 -1.05 -8.89
CA LEU B 65 -31.72 -0.20 -7.70
C LEU B 65 -32.97 0.72 -7.65
N THR B 66 -33.26 1.36 -8.77
CA THR B 66 -34.44 2.20 -8.87
C THR B 66 -35.75 1.39 -8.73
N GLU B 67 -35.80 0.22 -9.34
CA GLU B 67 -36.97 -0.63 -9.32
C GLU B 67 -37.27 -1.16 -7.93
N LYS B 68 -36.24 -1.61 -7.22
CA LYS B 68 -36.42 -2.23 -5.93
C LYS B 68 -36.58 -1.16 -4.85
N TYR B 69 -35.81 -0.08 -4.94
CA TYR B 69 -35.73 0.87 -3.80
C TYR B 69 -36.34 2.24 -4.07
N GLY B 70 -36.75 2.49 -5.32
CA GLY B 70 -37.42 3.72 -5.67
C GLY B 70 -36.55 4.96 -5.69
N VAL B 71 -35.24 4.79 -5.67
CA VAL B 71 -34.30 5.92 -5.71
C VAL B 71 -33.88 6.29 -7.13
N GLU B 72 -33.45 7.53 -7.30
CA GLU B 72 -32.84 7.98 -8.53
C GLU B 72 -31.46 7.35 -8.71
N THR B 73 -31.16 6.95 -9.93
CA THR B 73 -29.87 6.35 -10.27
C THR B 73 -29.35 6.87 -11.60
N MET B 74 -28.06 6.64 -11.82
CA MET B 74 -27.36 6.91 -13.05
C MET B 74 -26.30 5.83 -13.23
N ALA B 75 -26.09 5.42 -14.48
CA ALA B 75 -25.00 4.52 -14.87
C ALA B 75 -24.02 5.31 -15.73
N PHE B 76 -22.73 5.04 -15.55
CA PHE B 76 -21.69 5.72 -16.30
C PHE B 76 -20.52 4.74 -16.54
N ARG B 77 -20.08 4.61 -17.79
CA ARG B 77 -18.94 3.77 -18.13
C ARG B 77 -17.63 4.50 -17.77
N CYS B 78 -16.83 3.87 -16.93
CA CYS B 78 -15.56 4.44 -16.47
C CYS B 78 -14.59 3.31 -16.10
N ASP B 79 -13.41 3.35 -16.72
CA ASP B 79 -12.22 2.65 -16.23
C ASP B 79 -11.50 3.58 -15.24
N VAL B 80 -11.55 3.25 -13.95
CA VAL B 80 -10.99 4.09 -12.91
C VAL B 80 -9.47 4.25 -13.02
N SER B 81 -8.78 3.38 -13.77
CA SER B 81 -7.32 3.52 -13.95
C SER B 81 -7.01 4.61 -15.01
N ASN B 82 -8.06 5.04 -15.72
CA ASN B 82 -7.96 6.11 -16.69
C ASN B 82 -8.45 7.42 -16.07
N TYR B 83 -7.50 8.27 -15.71
CA TYR B 83 -7.77 9.54 -15.02
C TYR B 83 -8.77 10.44 -15.74
N GLU B 84 -8.61 10.61 -17.06
CA GLU B 84 -9.52 11.43 -17.81
C GLU B 84 -10.95 10.90 -17.78
N GLU B 85 -11.13 9.58 -17.77
CA GLU B 85 -12.48 9.03 -17.65
C GLU B 85 -13.09 9.29 -16.26
N VAL B 86 -12.25 9.25 -15.22
CA VAL B 86 -12.67 9.57 -13.87
C VAL B 86 -13.11 11.01 -13.78
N LYS B 87 -12.33 11.88 -14.39
CA LYS B 87 -12.67 13.31 -14.43
C LYS B 87 -14.08 13.46 -15.09
N LYS B 88 -14.30 12.78 -16.21
CA LYS B 88 -15.62 12.79 -16.87
C LYS B 88 -16.74 12.16 -16.05
N LEU B 89 -16.44 11.07 -15.37
CA LEU B 89 -17.39 10.46 -14.44
C LEU B 89 -17.91 11.49 -13.42
N LEU B 90 -16.99 12.20 -12.78
CA LEU B 90 -17.36 13.18 -11.76
C LEU B 90 -18.08 14.40 -12.28
N GLU B 91 -17.73 14.85 -13.49
CA GLU B 91 -18.45 15.90 -14.18
C GLU B 91 -19.88 15.44 -14.50
N ALA B 92 -20.07 14.16 -14.87
CA ALA B 92 -21.43 13.62 -15.10
C ALA B 92 -22.30 13.56 -13.83
N VAL B 93 -21.69 13.22 -12.68
CA VAL B 93 -22.40 13.25 -11.40
C VAL B 93 -22.87 14.68 -11.11
N LYS B 94 -21.96 15.64 -11.21
CA LYS B 94 -22.28 17.02 -10.99
C LYS B 94 -23.43 17.49 -11.88
N GLU B 95 -23.41 17.11 -13.16
CA GLU B 95 -24.49 17.48 -14.08
C GLU B 95 -25.84 16.82 -13.75
N LYS B 96 -25.84 15.54 -13.42
CA LYS B 96 -27.11 14.87 -13.06
C LYS B 96 -27.67 15.38 -11.73
N PHE B 97 -26.81 15.48 -10.71
CA PHE B 97 -27.26 15.68 -9.33
C PHE B 97 -26.89 17.01 -8.67
N GLY B 98 -25.81 17.63 -9.13
CA GLY B 98 -25.33 18.90 -8.57
C GLY B 98 -24.63 18.73 -7.22
N LYS B 99 -24.46 17.48 -6.77
CA LYS B 99 -24.01 17.20 -5.41
C LYS B 99 -23.52 15.78 -5.31
N LEU B 100 -22.69 15.55 -4.30
CA LEU B 100 -22.17 14.22 -3.96
C LEU B 100 -21.81 14.18 -2.49
N ASP B 101 -22.29 13.16 -1.81
CA ASP B 101 -22.17 12.99 -0.39
C ASP B 101 -21.27 11.82 -0.06
N THR B 102 -21.32 10.77 -0.86
CA THR B 102 -20.70 9.47 -0.50
C THR B 102 -20.01 8.86 -1.70
N VAL B 103 -18.77 8.45 -1.53
CA VAL B 103 -18.02 7.72 -2.54
C VAL B 103 -17.68 6.34 -1.99
N VAL B 104 -18.00 5.30 -2.77
CA VAL B 104 -17.58 3.94 -2.51
C VAL B 104 -16.70 3.49 -3.66
N ASN B 105 -15.43 3.28 -3.33
CA ASN B 105 -14.44 2.81 -4.28
C ASN B 105 -14.32 1.30 -4.26
N ALA B 106 -15.24 0.62 -4.95
CA ALA B 106 -15.25 -0.83 -4.98
C ALA B 106 -14.68 -1.45 -6.26
N ALA B 107 -14.36 -0.62 -7.28
CA ALA B 107 -13.71 -1.11 -8.46
C ALA B 107 -12.34 -1.69 -8.14
N GLY B 108 -12.15 -2.92 -8.59
CA GLY B 108 -10.96 -3.68 -8.32
C GLY B 108 -10.79 -4.87 -9.25
N ILE B 109 -9.52 -5.24 -9.43
CA ILE B 109 -9.17 -6.47 -10.11
C ILE B 109 -8.12 -7.24 -9.32
N ASN B 110 -7.99 -8.49 -9.69
CA ASN B 110 -6.91 -9.37 -9.22
C ASN B 110 -6.32 -10.16 -10.37
N ARG B 111 -5.01 -10.44 -10.29
CA ARG B 111 -4.35 -11.33 -11.22
C ARG B 111 -3.42 -12.18 -10.39
N ARG B 112 -3.41 -13.49 -10.63
CA ARG B 112 -2.70 -14.43 -9.77
C ARG B 112 -1.51 -15.05 -10.47
N HIS B 113 -0.32 -14.82 -9.90
CA HIS B 113 0.91 -15.42 -10.39
C HIS B 113 1.89 -15.49 -9.24
N PRO B 114 2.82 -16.45 -9.28
CA PRO B 114 3.94 -16.40 -8.37
C PRO B 114 4.70 -15.07 -8.51
N ALA B 115 5.07 -14.46 -7.38
CA ALA B 115 5.68 -13.11 -7.39
C ALA B 115 6.96 -13.06 -8.26
N GLU B 116 7.71 -14.16 -8.27
CA GLU B 116 8.96 -14.23 -9.02
C GLU B 116 8.74 -14.35 -10.54
N GLU B 117 7.52 -14.66 -10.97
CA GLU B 117 7.16 -14.79 -12.38
C GLU B 117 6.07 -13.78 -12.78
N PHE B 118 5.61 -12.93 -11.87
CA PHE B 118 4.49 -12.00 -12.13
C PHE B 118 4.81 -11.10 -13.35
N PRO B 119 3.96 -11.15 -14.41
CA PRO B 119 4.24 -10.27 -15.56
C PRO B 119 4.14 -8.82 -15.11
N LEU B 120 5.12 -8.03 -15.52
CA LEU B 120 5.28 -6.69 -14.96
C LEU B 120 4.13 -5.78 -15.35
N ASP B 121 3.63 -5.91 -16.57
CA ASP B 121 2.47 -5.10 -16.97
C ASP B 121 1.24 -5.42 -16.13
N GLU B 122 1.02 -6.71 -15.83
CA GLU B 122 -0.08 -7.09 -14.95
C GLU B 122 0.12 -6.61 -13.52
N PHE B 123 1.35 -6.69 -13.02
CA PHE B 123 1.62 -6.21 -11.67
C PHE B 123 1.23 -4.73 -11.50
N ARG B 124 1.70 -3.90 -12.44
CA ARG B 124 1.32 -2.48 -12.42
C ARG B 124 -0.19 -2.26 -12.67
N GLN B 125 -0.78 -3.05 -13.54
CA GLN B 125 -2.17 -2.90 -13.85
C GLN B 125 -3.09 -3.06 -12.63
N VAL B 126 -2.81 -4.05 -11.79
CA VAL B 126 -3.61 -4.30 -10.61
C VAL B 126 -3.52 -3.07 -9.66
N ILE B 127 -2.33 -2.48 -9.54
CA ILE B 127 -2.15 -1.28 -8.73
C ILE B 127 -2.79 -0.04 -9.38
N GLU B 128 -2.75 0.04 -10.71
CA GLU B 128 -3.41 1.10 -11.48
C GLU B 128 -4.91 1.16 -11.25
N VAL B 129 -5.57 0.01 -11.28
CA VAL B 129 -7.01 -0.05 -11.01
C VAL B 129 -7.31 0.17 -9.52
N ASN B 130 -6.67 -0.64 -8.67
CA ASN B 130 -7.01 -0.73 -7.26
C ASN B 130 -6.60 0.46 -6.44
N LEU B 131 -5.43 1.02 -6.75
CA LEU B 131 -4.83 2.05 -5.94
C LEU B 131 -4.87 3.40 -6.63
N PHE B 132 -4.25 3.49 -7.81
CA PHE B 132 -4.34 4.73 -8.57
C PHE B 132 -5.80 5.12 -8.82
N GLY B 133 -6.63 4.18 -9.30
CA GLY B 133 -8.03 4.50 -9.60
C GLY B 133 -8.83 4.99 -8.38
N THR B 134 -8.59 4.37 -7.25
CA THR B 134 -9.19 4.78 -6.00
C THR B 134 -8.74 6.22 -5.64
N TYR B 135 -7.44 6.50 -5.74
CA TYR B 135 -6.98 7.88 -5.60
C TYR B 135 -7.66 8.87 -6.57
N TYR B 136 -7.71 8.52 -7.86
CA TYR B 136 -8.20 9.43 -8.89
C TYR B 136 -9.65 9.82 -8.53
N VAL B 137 -10.45 8.83 -8.14
CA VAL B 137 -11.85 9.06 -7.82
C VAL B 137 -11.98 10.00 -6.60
N CYS B 138 -11.22 9.70 -5.53
CA CYS B 138 -11.18 10.59 -4.35
C CYS B 138 -10.78 12.03 -4.74
N ARG B 139 -9.71 12.14 -5.52
CA ARG B 139 -9.18 13.43 -5.95
C ARG B 139 -10.25 14.24 -6.71
N GLU B 140 -10.94 13.58 -7.64
CA GLU B 140 -11.89 14.30 -8.50
C GLU B 140 -13.23 14.53 -7.81
N ALA B 141 -13.53 13.75 -6.78
CA ALA B 141 -14.75 13.88 -6.01
C ALA B 141 -14.66 14.98 -4.96
N PHE B 142 -13.44 15.39 -4.64
CA PHE B 142 -13.19 16.34 -3.60
C PHE B 142 -14.03 17.61 -3.69
N SER B 143 -14.02 18.29 -4.83
CA SER B 143 -14.73 19.57 -4.92
C SER B 143 -16.24 19.48 -4.65
N LEU B 144 -16.89 18.39 -5.04
CA LEU B 144 -18.31 18.17 -4.61
C LEU B 144 -18.46 17.75 -3.14
N LEU B 145 -17.59 16.85 -2.69
CA LEU B 145 -17.63 16.38 -1.31
C LEU B 145 -17.45 17.54 -0.29
N ARG B 146 -16.61 18.52 -0.65
CA ARG B 146 -16.43 19.70 0.17
C ARG B 146 -17.68 20.53 0.33
N GLU B 147 -18.60 20.41 -0.61
CA GLU B 147 -19.90 21.10 -0.57
C GLU B 147 -20.98 20.35 0.25
N SER B 148 -20.68 19.11 0.65
CA SER B 148 -21.61 18.29 1.42
C SER B 148 -21.48 18.59 2.91
N ASP B 149 -22.62 18.61 3.60
CA ASP B 149 -22.66 18.66 5.04
C ASP B 149 -22.33 17.30 5.71
N ASN B 150 -22.28 16.20 4.93
CA ASN B 150 -22.05 14.86 5.44
C ASN B 150 -21.19 14.04 4.44
N PRO B 151 -19.94 14.48 4.18
CA PRO B 151 -19.14 13.82 3.18
C PRO B 151 -18.36 12.63 3.76
N SER B 152 -18.45 11.52 3.04
CA SER B 152 -17.92 10.25 3.48
C SER B 152 -17.36 9.46 2.28
N ILE B 153 -16.08 9.10 2.36
CA ILE B 153 -15.41 8.24 1.40
C ILE B 153 -15.15 6.86 2.03
N ILE B 154 -15.57 5.84 1.30
CA ILE B 154 -15.46 4.46 1.71
C ILE B 154 -14.65 3.74 0.66
N ASN B 155 -13.42 3.43 1.04
CA ASN B 155 -12.56 2.61 0.22
C ASN B 155 -12.67 1.13 0.60
N ILE B 156 -12.51 0.26 -0.37
CA ILE B 156 -12.63 -1.20 -0.15
C ILE B 156 -11.21 -1.79 -0.12
N GLY B 157 -10.88 -2.33 1.05
CA GLY B 157 -9.63 -2.98 1.31
C GLY B 157 -9.74 -4.46 1.02
N SER B 158 -9.11 -5.24 1.90
CA SER B 158 -9.04 -6.66 1.87
C SER B 158 -8.25 -7.10 3.10
N LEU B 159 -8.34 -8.39 3.38
CA LEU B 159 -7.54 -8.97 4.44
C LEU B 159 -6.04 -8.64 4.24
N THR B 160 -5.59 -8.51 2.97
CA THR B 160 -4.20 -8.19 2.62
C THR B 160 -3.65 -6.88 3.13
N VAL B 161 -4.54 -5.99 3.61
CA VAL B 161 -4.14 -4.86 4.39
C VAL B 161 -3.35 -5.32 5.63
N GLU B 162 -3.74 -6.45 6.21
CA GLU B 162 -3.19 -6.95 7.48
C GLU B 162 -2.34 -8.24 7.24
N GLU B 163 -2.81 -9.12 6.37
CA GLU B 163 -2.21 -10.42 6.21
C GLU B 163 -2.54 -11.03 4.85
N VAL B 164 -1.55 -11.72 4.29
CA VAL B 164 -1.69 -12.30 2.95
C VAL B 164 -1.85 -13.79 3.06
N THR B 165 -3.12 -14.20 3.00
CA THR B 165 -3.51 -15.55 3.36
C THR B 165 -3.35 -16.55 2.21
N MET B 166 -3.20 -16.04 0.99
CA MET B 166 -3.06 -16.87 -0.22
C MET B 166 -1.76 -16.54 -0.91
N PRO B 167 -1.16 -17.53 -1.60
CA PRO B 167 -0.06 -17.18 -2.46
C PRO B 167 -0.58 -16.56 -3.77
N ASN B 168 0.35 -15.99 -4.52
CA ASN B 168 0.15 -15.49 -5.89
C ASN B 168 -0.62 -14.22 -6.06
N ILE B 169 -0.75 -13.43 -4.99
CA ILE B 169 -1.52 -12.20 -5.04
C ILE B 169 -0.70 -10.96 -4.56
N SER B 170 0.59 -10.95 -4.87
CA SER B 170 1.53 -9.88 -4.45
C SER B 170 1.07 -8.48 -4.88
N ALA B 171 0.70 -8.33 -6.15
CA ALA B 171 0.28 -7.03 -6.69
C ALA B 171 -0.99 -6.53 -6.00
N TYR B 172 -1.94 -7.42 -5.83
CA TYR B 172 -3.18 -7.12 -5.16
C TYR B 172 -2.96 -6.71 -3.72
N ALA B 173 -2.21 -7.52 -3.00
CA ALA B 173 -1.83 -7.18 -1.61
C ALA B 173 -1.22 -5.76 -1.53
N ALA B 174 -0.24 -5.50 -2.39
CA ALA B 174 0.38 -4.19 -2.47
C ALA B 174 -0.64 -3.09 -2.65
N SER B 175 -1.54 -3.28 -3.61
CA SER B 175 -2.57 -2.29 -3.90
C SER B 175 -3.46 -1.97 -2.67
N LYS B 176 -3.83 -3.00 -1.92
CA LYS B 176 -4.73 -2.87 -0.80
C LYS B 176 -4.05 -2.29 0.42
N GLY B 177 -2.81 -2.64 0.67
CA GLY B 177 -2.02 -1.96 1.70
C GLY B 177 -1.83 -0.49 1.34
N GLY B 178 -1.66 -0.21 0.04
CA GLY B 178 -1.60 1.18 -0.40
C GLY B 178 -2.90 1.95 -0.18
N VAL B 179 -4.05 1.31 -0.45
CA VAL B 179 -5.35 1.88 -0.19
C VAL B 179 -5.54 2.22 1.29
N ALA B 180 -5.14 1.32 2.19
CA ALA B 180 -5.22 1.57 3.60
C ALA B 180 -4.44 2.83 4.01
N SER B 181 -3.18 2.93 3.61
CA SER B 181 -2.35 4.07 3.98
C SER B 181 -2.84 5.37 3.29
N LEU B 182 -3.25 5.26 2.03
CA LEU B 182 -3.89 6.38 1.31
C LEU B 182 -5.12 6.93 2.07
N THR B 183 -5.94 6.00 2.53
CA THR B 183 -7.12 6.29 3.31
C THR B 183 -6.78 7.10 4.56
N LYS B 184 -5.72 6.68 5.25
CA LYS B 184 -5.22 7.42 6.41
C LYS B 184 -4.74 8.84 6.07
N ALA B 185 -3.98 8.98 4.99
CA ALA B 185 -3.51 10.26 4.52
C ALA B 185 -4.65 11.20 4.20
N LEU B 186 -5.64 10.69 3.47
CA LEU B 186 -6.79 11.50 3.11
C LEU B 186 -7.61 11.90 4.31
N ALA B 187 -7.79 10.97 5.26
CA ALA B 187 -8.46 11.25 6.50
C ALA B 187 -7.76 12.40 7.27
N LYS B 188 -6.44 12.34 7.31
CA LYS B 188 -5.63 13.35 7.92
C LYS B 188 -5.77 14.73 7.25
N GLU B 189 -5.65 14.77 5.94
CA GLU B 189 -5.64 16.05 5.22
C GLU B 189 -7.02 16.66 5.11
N TRP B 190 -8.05 15.81 5.00
CA TRP B 190 -9.39 16.30 4.65
C TRP B 190 -10.37 16.32 5.82
N GLY B 191 -9.93 15.90 7.02
CA GLY B 191 -10.71 16.06 8.24
C GLY B 191 -11.12 17.49 8.54
N ARG B 192 -10.26 18.43 8.21
CA ARG B 192 -10.51 19.85 8.35
C ARG B 192 -11.66 20.34 7.48
N TYR B 193 -11.98 19.62 6.40
CA TYR B 193 -13.15 19.90 5.59
C TYR B 193 -14.36 19.07 5.97
N GLY B 194 -14.24 18.30 7.07
CA GLY B 194 -15.29 17.39 7.51
C GLY B 194 -15.46 16.12 6.69
N ILE B 195 -14.52 15.85 5.80
CA ILE B 195 -14.60 14.68 4.95
C ILE B 195 -14.02 13.44 5.65
N ARG B 196 -14.88 12.47 5.92
CA ARG B 196 -14.42 11.21 6.55
C ARG B 196 -13.96 10.25 5.49
N VAL B 197 -12.87 9.53 5.78
CA VAL B 197 -12.31 8.56 4.84
C VAL B 197 -11.95 7.33 5.66
N ASN B 198 -12.58 6.23 5.28
CA ASN B 198 -12.48 4.92 5.99
C ASN B 198 -12.39 3.83 4.95
N VAL B 199 -11.93 2.67 5.40
CA VAL B 199 -11.88 1.42 4.62
C VAL B 199 -12.80 0.37 5.23
N ILE B 200 -13.60 -0.26 4.38
CA ILE B 200 -14.20 -1.53 4.69
C ILE B 200 -13.26 -2.57 4.08
N ALA B 201 -12.74 -3.43 4.95
CA ALA B 201 -11.89 -4.54 4.55
C ALA B 201 -12.68 -5.85 4.68
N PRO B 202 -13.22 -6.32 3.57
CA PRO B 202 -13.96 -7.60 3.64
C PRO B 202 -13.03 -8.79 3.87
N GLY B 203 -13.53 -9.77 4.60
CA GLY B 203 -12.91 -11.08 4.62
C GLY B 203 -13.10 -11.84 3.30
N TRP B 204 -13.49 -13.10 3.36
CA TRP B 204 -13.66 -13.94 2.17
C TRP B 204 -15.14 -14.07 1.79
N TYR B 205 -15.46 -13.59 0.58
CA TYR B 205 -16.81 -13.55 0.03
C TYR B 205 -16.75 -14.21 -1.36
N ARG B 206 -17.67 -15.13 -1.62
CA ARG B 206 -17.79 -15.72 -2.95
C ARG B 206 -18.32 -14.71 -3.95
N THR B 207 -17.47 -14.32 -4.89
CA THR B 207 -17.78 -13.41 -6.01
C THR B 207 -17.03 -13.88 -7.23
N LYS B 208 -17.27 -13.22 -8.38
CA LYS B 208 -16.49 -13.47 -9.59
C LYS B 208 -15.00 -13.39 -9.31
N MET B 209 -14.55 -12.44 -8.51
CA MET B 209 -13.15 -12.32 -8.20
C MET B 209 -12.57 -13.54 -7.47
N THR B 210 -13.36 -14.18 -6.61
CA THR B 210 -12.83 -15.25 -5.73
C THR B 210 -13.31 -16.64 -6.10
N GLU B 211 -14.03 -16.74 -7.21
CA GLU B 211 -14.62 -18.00 -7.72
C GLU B 211 -13.70 -19.20 -7.73
N ALA B 212 -12.49 -19.01 -8.26
CA ALA B 212 -11.52 -20.07 -8.37
C ALA B 212 -11.16 -20.65 -6.98
N VAL B 213 -10.84 -19.78 -6.02
CA VAL B 213 -10.56 -20.20 -4.63
C VAL B 213 -11.73 -20.99 -4.01
N PHE B 214 -12.93 -20.43 -4.12
CA PHE B 214 -14.14 -21.11 -3.66
C PHE B 214 -14.46 -22.45 -4.34
N SER B 215 -13.91 -22.67 -5.53
CA SER B 215 -14.19 -23.91 -6.26
CA SER B 215 -14.13 -23.89 -6.31
C SER B 215 -13.27 -25.05 -5.82
N ASP B 216 -12.25 -24.74 -5.02
CA ASP B 216 -11.29 -25.71 -4.46
C ASP B 216 -11.73 -26.08 -3.03
N PRO B 217 -12.33 -27.26 -2.84
CA PRO B 217 -12.82 -27.63 -1.51
C PRO B 217 -11.77 -27.62 -0.40
N GLU B 218 -10.50 -27.90 -0.71
CA GLU B 218 -9.44 -27.85 0.31
C GLU B 218 -9.21 -26.41 0.81
N LYS B 219 -9.16 -25.45 -0.10
CA LYS B 219 -8.99 -24.05 0.25
C LYS B 219 -10.20 -23.56 1.06
N LEU B 220 -11.41 -23.91 0.64
CA LEU B 220 -12.63 -23.46 1.31
C LEU B 220 -12.72 -24.02 2.75
N ASP B 221 -12.38 -25.29 2.90
CA ASP B 221 -12.34 -25.91 4.22
C ASP B 221 -11.32 -25.23 5.15
N TYR B 222 -10.16 -24.87 4.60
CA TYR B 222 -9.14 -24.11 5.35
C TYR B 222 -9.66 -22.73 5.75
N MET B 223 -10.24 -22.01 4.81
CA MET B 223 -10.84 -20.72 5.09
C MET B 223 -11.86 -20.78 6.26
N LEU B 224 -12.76 -21.75 6.20
CA LEU B 224 -13.79 -21.87 7.17
C LEU B 224 -13.25 -22.13 8.58
N LYS B 225 -12.18 -22.91 8.68
CA LYS B 225 -11.47 -23.14 9.96
C LYS B 225 -10.97 -21.84 10.60
N ARG B 226 -10.65 -20.83 9.80
CA ARG B 226 -10.20 -19.53 10.29
C ARG B 226 -11.30 -18.46 10.47
N ILE B 227 -12.56 -18.87 10.29
CA ILE B 227 -13.73 -17.96 10.45
C ILE B 227 -14.61 -18.38 11.66
N PRO B 228 -14.44 -17.69 12.80
CA PRO B 228 -15.21 -17.98 14.02
C PRO B 228 -16.75 -18.06 13.85
N LEU B 229 -17.33 -17.21 13.01
CA LEU B 229 -18.77 -17.28 12.68
C LEU B 229 -19.17 -18.46 11.78
N GLY B 230 -18.20 -19.19 11.20
CA GLY B 230 -18.53 -20.46 10.54
C GLY B 230 -19.10 -20.39 9.11
N ARG B 231 -18.95 -19.25 8.47
CA ARG B 231 -19.34 -19.09 7.08
C ARG B 231 -18.53 -18.01 6.41
N THR B 232 -18.49 -18.06 5.09
CA THR B 232 -17.96 -16.94 4.33
C THR B 232 -19.01 -15.83 4.15
N GLY B 233 -18.55 -14.68 3.68
CA GLY B 233 -19.39 -13.49 3.56
C GLY B 233 -20.24 -13.49 2.31
N VAL B 234 -21.37 -12.81 2.41
CA VAL B 234 -22.26 -12.48 1.32
C VAL B 234 -22.39 -10.95 1.19
N PRO B 235 -22.72 -10.45 -0.03
CA PRO B 235 -22.77 -8.99 -0.21
C PRO B 235 -23.60 -8.21 0.84
N GLU B 236 -24.70 -8.77 1.26
CA GLU B 236 -25.57 -8.18 2.30
C GLU B 236 -24.84 -7.86 3.62
N ASP B 237 -23.76 -8.62 3.92
CA ASP B 237 -22.99 -8.45 5.15
C ASP B 237 -22.30 -7.08 5.20
N LEU B 238 -22.18 -6.43 4.04
CA LEU B 238 -21.52 -5.13 3.93
C LEU B 238 -22.45 -3.95 3.93
N LYS B 239 -23.73 -4.20 3.85
CA LYS B 239 -24.71 -3.14 3.67
C LYS B 239 -24.79 -2.24 4.89
N GLY B 240 -24.84 -2.85 6.07
CA GLY B 240 -24.93 -2.12 7.33
C GLY B 240 -23.76 -1.18 7.60
N VAL B 241 -22.54 -1.71 7.50
CA VAL B 241 -21.35 -0.91 7.75
C VAL B 241 -21.22 0.23 6.74
N ALA B 242 -21.61 0.01 5.47
CA ALA B 242 -21.60 1.08 4.47
C ALA B 242 -22.58 2.21 4.80
N VAL B 243 -23.82 1.85 5.13
CA VAL B 243 -24.81 2.80 5.54
C VAL B 243 -24.37 3.54 6.81
N PHE B 244 -23.88 2.79 7.79
CA PHE B 244 -23.35 3.39 9.02
C PHE B 244 -22.26 4.42 8.70
N LEU B 245 -21.24 4.05 7.95
CA LEU B 245 -20.17 4.98 7.65
C LEU B 245 -20.62 6.19 6.80
N ALA B 246 -21.61 6.00 5.92
CA ALA B 246 -22.12 7.10 5.12
C ALA B 246 -22.94 8.07 5.98
N SER B 247 -23.61 7.54 6.99
CA SER B 247 -24.57 8.29 7.76
C SER B 247 -23.91 9.28 8.71
N GLU B 248 -24.72 10.22 9.15
CA GLU B 248 -24.30 11.19 10.16
C GLU B 248 -24.02 10.47 11.49
N GLU B 249 -24.42 9.22 11.60
CA GLU B 249 -24.14 8.43 12.81
C GLU B 249 -22.67 7.97 12.93
N ALA B 250 -21.89 8.12 11.86
CA ALA B 250 -20.48 7.86 11.93
C ALA B 250 -19.63 9.11 11.76
N LYS B 251 -20.14 10.25 12.16
CA LYS B 251 -19.44 11.54 11.91
C LYS B 251 -18.10 11.71 12.67
N TYR B 252 -17.89 10.94 13.73
CA TYR B 252 -16.62 10.97 14.44
C TYR B 252 -15.73 9.79 14.09
N VAL B 253 -16.09 9.05 13.05
CA VAL B 253 -15.28 7.93 12.53
C VAL B 253 -14.54 8.26 11.22
N THR B 254 -13.21 8.29 11.29
CA THR B 254 -12.36 8.54 10.13
C THR B 254 -10.99 7.91 10.30
N GLY B 255 -10.40 7.57 9.17
CA GLY B 255 -9.11 6.96 9.11
C GLY B 255 -9.09 5.52 9.52
N GLN B 256 -10.24 4.86 9.53
CA GLN B 256 -10.31 3.52 10.11
C GLN B 256 -10.37 2.45 9.05
N ILE B 257 -9.80 1.30 9.40
CA ILE B 257 -9.88 0.10 8.61
C ILE B 257 -10.79 -0.87 9.34
N ILE B 258 -12.00 -1.08 8.84
CA ILE B 258 -12.96 -1.92 9.51
C ILE B 258 -13.12 -3.24 8.76
N PHE B 259 -12.71 -4.34 9.42
CA PHE B 259 -12.80 -5.68 8.84
C PHE B 259 -14.19 -6.24 9.06
N VAL B 260 -14.81 -6.69 7.95
CA VAL B 260 -16.11 -7.40 8.02
C VAL B 260 -15.80 -8.81 7.51
N ASP B 261 -15.39 -9.66 8.45
CA ASP B 261 -14.72 -10.92 8.06
C ASP B 261 -15.10 -12.14 8.91
N GLY B 262 -16.18 -12.04 9.69
CA GLY B 262 -16.63 -13.15 10.49
C GLY B 262 -15.67 -13.54 11.63
N GLY B 263 -14.73 -12.66 11.97
CA GLY B 263 -13.74 -12.89 13.00
C GLY B 263 -12.37 -13.34 12.51
N TRP B 264 -12.20 -13.44 11.19
CA TRP B 264 -10.94 -13.88 10.57
C TRP B 264 -9.70 -13.27 11.26
N THR B 265 -9.66 -11.94 11.31
CA THR B 265 -8.52 -11.19 11.83
C THR B 265 -8.30 -11.33 13.36
N ALA B 266 -9.28 -11.84 14.08
CA ALA B 266 -9.21 -12.04 15.52
C ALA B 266 -8.65 -13.40 15.93
N ASN B 267 -8.34 -14.26 14.97
CA ASN B 267 -7.94 -15.63 15.28
C ASN B 267 -6.91 -16.23 14.32
#